data_1SXR
#
_entry.id   1SXR
#
_cell.length_a   136.29
_cell.length_b   64.42
_cell.length_c   45.87
_cell.angle_alpha   90.00
_cell.angle_beta   100.33
_cell.angle_gamma   90.00
#
_symmetry.space_group_name_H-M   'C 1 2 1'
#
loop_
_entity.id
_entity.type
_entity.pdbx_description
1 polymer 'Peptidoglycan recognition protein SA CG11709-PA'
2 non-polymer 'SULFATE ION'
3 non-polymer 1,2-ETHANEDIOL
4 water water
#
_entity_poly.entity_id   1
_entity_poly.type   'polypeptide(L)'
_entity_poly.pdbx_seq_one_letter_code
;GKSRQRSPANCPTIKLKRQWGGKPSLGLHYQVRPIRYVVIHHTVTGECSGLLKCAEILQNMQAYHQNELDFNDISYNFLI
GNDGIVYEGTGWGLRGAHTYGYNAIGTGIAFIGNFVDKLPSDAALQAAKDLLACGVQQGELSEDYALIAGSQVISTQSPG
LTLYNEIQEWPHWLSNPHHHHHH
;
_entity_poly.pdbx_strand_id   A,B
#
loop_
_chem_comp.id
_chem_comp.type
_chem_comp.name
_chem_comp.formula
EDO non-polymer 1,2-ETHANEDIOL 'C2 H6 O2'
SO4 non-polymer 'SULFATE ION' 'O4 S -2'
#
# COMPACT_ATOMS: atom_id res chain seq x y z
N CYS A 11 -9.12 -3.14 5.99
CA CYS A 11 -9.93 -3.29 4.74
C CYS A 11 -11.42 -3.41 5.04
N PRO A 12 -12.23 -2.44 4.60
CA PRO A 12 -13.67 -2.50 4.85
C PRO A 12 -14.31 -3.60 4.03
N THR A 13 -15.44 -4.15 4.48
CA THR A 13 -16.12 -5.17 3.71
C THR A 13 -17.07 -4.48 2.73
N ILE A 14 -16.86 -4.67 1.43
CA ILE A 14 -17.63 -3.91 0.44
C ILE A 14 -18.93 -4.62 0.12
N LYS A 15 -20.02 -3.88 0.10
CA LYS A 15 -21.31 -4.46 -0.23
C LYS A 15 -21.43 -4.46 -1.75
N LEU A 16 -21.25 -5.64 -2.33
CA LEU A 16 -21.24 -5.78 -3.79
C LEU A 16 -22.62 -5.57 -4.39
N LYS A 17 -22.62 -5.34 -5.71
CA LYS A 17 -23.84 -4.99 -6.45
C LYS A 17 -25.01 -5.93 -6.10
N ARG A 18 -24.77 -7.25 -6.14
CA ARG A 18 -25.78 -8.25 -5.75
C ARG A 18 -26.36 -8.06 -4.35
N GLN A 19 -25.51 -7.65 -3.42
CA GLN A 19 -25.93 -7.51 -2.05
C GLN A 19 -26.86 -6.35 -1.84
N TRP A 20 -26.80 -5.34 -2.71
CA TRP A 20 -27.80 -4.26 -2.65
C TRP A 20 -28.87 -4.32 -3.71
N GLY A 21 -28.86 -5.39 -4.50
CA GLY A 21 -29.93 -5.58 -5.48
C GLY A 21 -29.69 -4.83 -6.79
N GLY A 22 -28.44 -4.47 -7.02
CA GLY A 22 -28.09 -3.69 -8.22
C GLY A 22 -28.02 -4.57 -9.46
N LYS A 23 -28.16 -3.93 -10.61
CA LYS A 23 -28.15 -4.60 -11.91
C LYS A 23 -26.74 -4.59 -12.50
N PRO A 24 -26.48 -5.46 -13.46
CA PRO A 24 -25.17 -5.46 -14.12
C PRO A 24 -24.89 -4.16 -14.87
N SER A 25 -23.61 -3.85 -15.04
CA SER A 25 -23.23 -2.82 -15.99
C SER A 25 -23.72 -3.15 -17.40
N LEU A 26 -23.99 -2.10 -18.16
CA LEU A 26 -24.37 -2.25 -19.56
C LEU A 26 -23.15 -2.33 -20.47
N GLY A 27 -21.96 -2.15 -19.91
CA GLY A 27 -20.73 -2.23 -20.71
C GLY A 27 -19.51 -1.96 -19.86
N LEU A 28 -18.64 -2.95 -19.79
CA LEU A 28 -17.49 -2.85 -18.91
C LEU A 28 -16.32 -2.24 -19.65
N HIS A 29 -15.69 -1.25 -19.04
CA HIS A 29 -14.48 -0.63 -19.60
C HIS A 29 -13.41 -0.64 -18.53
N TYR A 30 -12.33 -1.34 -18.79
CA TYR A 30 -11.34 -1.57 -17.74
C TYR A 30 -10.34 -0.44 -17.63
N GLN A 31 -9.88 -0.18 -16.41
CA GLN A 31 -8.82 0.79 -16.15
C GLN A 31 -7.45 0.11 -16.07
N VAL A 32 -6.42 0.91 -16.21
CA VAL A 32 -5.05 0.45 -16.02
C VAL A 32 -4.69 0.67 -14.56
N ARG A 33 -4.26 -0.38 -13.89
CA ARG A 33 -3.91 -0.27 -12.47
C ARG A 33 -2.41 -0.19 -12.33
N PRO A 34 -1.93 0.45 -11.27
CA PRO A 34 -2.75 1.07 -10.23
C PRO A 34 -3.26 2.45 -10.65
N ILE A 35 -4.41 2.83 -10.08
CA ILE A 35 -5.03 4.11 -10.36
C ILE A 35 -4.35 5.17 -9.52
N ARG A 36 -4.15 6.35 -10.09
CA ARG A 36 -3.30 7.38 -9.49
C ARG A 36 -4.07 8.58 -8.97
N TYR A 37 -5.39 8.55 -9.17
CA TYR A 37 -6.28 9.62 -8.75
C TYR A 37 -7.54 9.09 -8.06
N VAL A 38 -7.92 9.73 -6.95
CA VAL A 38 -9.20 9.47 -6.28
C VAL A 38 -9.97 10.77 -6.27
N VAL A 39 -11.22 10.75 -6.76
CA VAL A 39 -12.05 11.94 -6.81
C VAL A 39 -13.20 11.80 -5.80
N ILE A 40 -13.34 12.77 -4.89
CA ILE A 40 -14.40 12.72 -3.88
C ILE A 40 -15.60 13.56 -4.33
N HIS A 41 -16.77 12.95 -4.17
CA HIS A 41 -18.06 13.54 -4.55
C HIS A 41 -19.05 13.39 -3.42
N HIS A 42 -20.15 14.13 -3.51
CA HIS A 42 -21.36 13.77 -2.75
C HIS A 42 -22.49 13.53 -3.71
N THR A 43 -23.53 12.81 -3.27
CA THR A 43 -24.62 12.48 -4.19
C THR A 43 -25.73 13.52 -4.22
N VAL A 44 -25.76 14.35 -3.19
CA VAL A 44 -26.84 15.36 -2.96
C VAL A 44 -28.14 14.73 -2.52
N THR A 45 -28.70 13.87 -3.38
CA THR A 45 -29.91 13.12 -3.06
C THR A 45 -29.56 11.75 -2.49
N GLY A 46 -30.45 11.18 -1.67
CA GLY A 46 -30.34 9.76 -1.33
C GLY A 46 -29.88 9.42 0.09
N GLU A 47 -29.82 10.39 0.99
CA GLU A 47 -29.26 10.10 2.33
C GLU A 47 -29.96 8.87 2.95
N CYS A 48 -29.17 7.99 3.54
CA CYS A 48 -29.71 6.71 4.02
C CYS A 48 -28.76 6.08 5.04
N SER A 49 -29.30 5.27 5.94
CA SER A 49 -28.49 4.60 6.95
C SER A 49 -28.75 3.11 6.84
N GLY A 50 -27.70 2.39 6.48
CA GLY A 50 -27.75 0.95 6.51
C GLY A 50 -28.25 0.38 5.21
N LEU A 51 -27.87 -0.87 4.98
CA LEU A 51 -28.17 -1.53 3.72
C LEU A 51 -29.66 -1.61 3.43
N LEU A 52 -30.49 -1.91 4.45
CA LEU A 52 -31.91 -2.06 4.18
C LEU A 52 -32.50 -0.82 3.51
N LYS A 53 -32.17 0.36 4.03
CA LYS A 53 -32.71 1.60 3.48
C LYS A 53 -31.95 1.99 2.20
N CYS A 54 -30.64 1.84 2.25
CA CYS A 54 -29.84 2.33 1.14
C CYS A 54 -30.07 1.56 -0.14
N ALA A 55 -30.44 0.29 -0.03
CA ALA A 55 -30.51 -0.50 -1.25
C ALA A 55 -31.50 0.08 -2.27
N GLU A 56 -32.69 0.47 -1.84
CA GLU A 56 -33.67 0.96 -2.81
C GLU A 56 -33.18 2.27 -3.43
N ILE A 57 -32.56 3.09 -2.60
CA ILE A 57 -32.02 4.34 -3.07
C ILE A 57 -30.97 4.10 -4.14
N LEU A 58 -30.10 3.12 -3.91
CA LEU A 58 -29.04 2.85 -4.87
C LEU A 58 -29.64 2.22 -6.15
N GLN A 59 -30.63 1.36 -5.97
CA GLN A 59 -31.30 0.79 -7.17
C GLN A 59 -31.88 1.85 -8.09
N ASN A 60 -32.54 2.83 -7.49
CA ASN A 60 -33.14 3.89 -8.31
C ASN A 60 -32.10 4.89 -8.81
N MET A 61 -31.05 5.13 -8.02
CA MET A 61 -29.96 5.95 -8.55
C MET A 61 -29.33 5.28 -9.78
N GLN A 62 -29.05 3.99 -9.68
CA GLN A 62 -28.57 3.24 -10.82
C GLN A 62 -29.51 3.32 -12.05
N ALA A 63 -30.80 3.17 -11.83
CA ALA A 63 -31.80 3.30 -12.89
C ALA A 63 -31.74 4.68 -13.53
N TYR A 64 -31.64 5.71 -12.71
CA TYR A 64 -31.52 7.07 -13.27
C TYR A 64 -30.21 7.18 -14.09
N HIS A 65 -29.10 6.73 -13.54
CA HIS A 65 -27.86 6.85 -14.27
C HIS A 65 -27.82 6.04 -15.57
N GLN A 66 -28.29 4.80 -15.53
CA GLN A 66 -28.29 3.94 -16.71
C GLN A 66 -29.31 4.34 -17.76
N ASN A 67 -30.53 4.70 -17.32
CA ASN A 67 -31.64 4.85 -18.26
C ASN A 67 -31.99 6.27 -18.61
N GLU A 68 -31.50 7.23 -17.83
CA GLU A 68 -31.74 8.65 -18.14
C GLU A 68 -30.47 9.36 -18.51
N LEU A 69 -29.38 9.05 -17.83
CA LEU A 69 -28.12 9.75 -18.11
C LEU A 69 -27.28 8.97 -19.11
N ASP A 70 -27.72 7.77 -19.47
CA ASP A 70 -27.08 6.98 -20.52
C ASP A 70 -25.68 6.50 -20.13
N PHE A 71 -25.45 6.31 -18.83
CA PHE A 71 -24.21 5.73 -18.35
C PHE A 71 -24.33 4.21 -18.34
N ASN A 72 -23.19 3.54 -18.25
CA ASN A 72 -23.19 2.07 -18.26
C ASN A 72 -23.59 1.52 -16.90
N ASP A 73 -23.42 2.32 -15.85
CA ASP A 73 -23.66 1.86 -14.48
C ASP A 73 -23.82 3.11 -13.61
N ILE A 74 -24.13 2.91 -12.34
CA ILE A 74 -24.02 4.02 -11.39
C ILE A 74 -22.67 4.72 -11.59
N SER A 75 -22.67 6.05 -11.56
CA SER A 75 -21.50 6.80 -12.10
C SER A 75 -20.25 6.60 -11.26
N TYR A 76 -20.44 6.49 -9.95
CA TYR A 76 -19.31 6.44 -9.00
C TYR A 76 -18.74 5.05 -8.89
N ASN A 77 -17.44 4.92 -8.60
CA ASN A 77 -16.90 3.57 -8.34
C ASN A 77 -17.42 2.98 -7.03
N PHE A 78 -17.52 3.82 -6.00
CA PHE A 78 -18.05 3.44 -4.66
C PHE A 78 -18.88 4.54 -4.08
N LEU A 79 -19.78 4.14 -3.17
CA LEU A 79 -20.61 5.10 -2.43
C LEU A 79 -20.56 4.74 -0.95
N ILE A 80 -20.62 5.73 -0.08
CA ILE A 80 -20.45 5.46 1.35
C ILE A 80 -21.66 6.05 2.09
N GLY A 81 -22.37 5.22 2.84
CA GLY A 81 -23.54 5.67 3.59
C GLY A 81 -23.22 6.13 5.01
N ASN A 82 -24.27 6.57 5.72
CA ASN A 82 -24.16 7.20 7.04
C ASN A 82 -23.62 6.22 8.08
N ASP A 83 -23.93 4.93 7.90
CA ASP A 83 -23.46 3.90 8.86
C ASP A 83 -22.04 3.47 8.53
N GLY A 84 -21.46 4.03 7.48
CA GLY A 84 -20.08 3.68 7.14
C GLY A 84 -19.97 2.48 6.22
N ILE A 85 -21.09 2.00 5.69
CA ILE A 85 -21.04 0.92 4.71
C ILE A 85 -20.54 1.46 3.39
N VAL A 86 -19.65 0.70 2.77
CA VAL A 86 -19.15 1.01 1.45
C VAL A 86 -19.91 0.17 0.44
N TYR A 87 -20.58 0.83 -0.50
CA TYR A 87 -21.37 0.12 -1.51
C TYR A 87 -20.60 0.13 -2.84
N GLU A 88 -20.48 -1.04 -3.47
CA GLU A 88 -19.91 -1.08 -4.81
C GLU A 88 -20.83 -0.38 -5.82
N GLY A 89 -20.28 0.59 -6.54
CA GLY A 89 -20.99 1.16 -7.68
C GLY A 89 -20.44 0.50 -8.92
N THR A 90 -19.71 1.28 -9.70
CA THR A 90 -18.98 0.75 -10.82
C THR A 90 -17.92 -0.27 -10.38
N GLY A 91 -17.35 -0.08 -9.19
CA GLY A 91 -16.36 -1.02 -8.63
C GLY A 91 -14.91 -0.75 -8.97
N TRP A 92 -13.99 -1.47 -8.32
CA TRP A 92 -12.57 -1.25 -8.60
C TRP A 92 -12.20 -1.59 -10.04
N GLY A 93 -11.36 -0.74 -10.63
CA GLY A 93 -10.72 -1.08 -11.91
C GLY A 93 -11.60 -0.96 -13.14
N LEU A 94 -12.78 -0.35 -12.97
CA LEU A 94 -13.69 -0.16 -14.09
C LEU A 94 -13.97 1.33 -14.20
N ARG A 95 -14.09 1.80 -15.45
CA ARG A 95 -14.28 3.20 -15.74
C ARG A 95 -15.70 3.61 -15.43
N GLY A 96 -15.85 4.64 -14.60
CA GLY A 96 -17.17 5.16 -14.22
C GLY A 96 -17.51 6.39 -15.05
N ALA A 97 -18.42 7.23 -14.53
CA ALA A 97 -18.90 8.41 -15.28
C ALA A 97 -19.11 9.60 -14.31
N HIS A 98 -18.30 9.64 -13.25
CA HIS A 98 -18.47 10.66 -12.20
C HIS A 98 -17.74 11.98 -12.46
N THR A 99 -16.64 11.97 -13.21
CA THR A 99 -15.81 13.16 -13.34
C THR A 99 -15.14 13.19 -14.70
N TYR A 100 -15.62 14.02 -15.61
CA TYR A 100 -14.97 14.13 -16.91
C TYR A 100 -13.46 14.37 -16.77
N GLY A 101 -12.69 13.55 -17.49
CA GLY A 101 -11.22 13.69 -17.46
C GLY A 101 -10.56 12.82 -16.41
N TYR A 102 -11.38 12.33 -15.48
CA TYR A 102 -10.90 11.51 -14.37
C TYR A 102 -11.64 10.19 -14.22
N ASN A 103 -12.37 9.78 -15.26
CA ASN A 103 -13.07 8.51 -15.21
C ASN A 103 -12.16 7.34 -15.55
N ALA A 104 -11.44 7.42 -16.68
CA ALA A 104 -10.48 6.37 -17.03
C ALA A 104 -9.35 6.28 -16.01
N ILE A 105 -8.90 7.44 -15.50
CA ILE A 105 -7.69 7.46 -14.65
C ILE A 105 -7.94 7.66 -13.14
N GLY A 106 -9.20 7.73 -12.73
CA GLY A 106 -9.50 7.95 -11.31
C GLY A 106 -10.52 6.97 -10.76
N THR A 107 -10.54 6.85 -9.44
CA THR A 107 -11.58 6.15 -8.72
C THR A 107 -12.47 7.18 -8.07
N GLY A 108 -13.76 7.20 -8.42
CA GLY A 108 -14.70 8.19 -7.89
C GLY A 108 -15.44 7.62 -6.69
N ILE A 109 -15.39 8.33 -5.56
CA ILE A 109 -16.04 7.87 -4.33
C ILE A 109 -17.02 8.93 -3.91
N ALA A 110 -18.29 8.54 -3.77
CA ALA A 110 -19.32 9.49 -3.37
C ALA A 110 -19.78 9.19 -1.96
N PHE A 111 -19.78 10.23 -1.13
CA PHE A 111 -20.52 10.16 0.11
C PHE A 111 -22.01 10.37 -0.16
N ILE A 112 -22.84 9.43 0.31
CA ILE A 112 -24.29 9.55 0.09
C ILE A 112 -24.85 10.67 0.99
N GLY A 113 -25.42 11.70 0.37
CA GLY A 113 -26.00 12.83 1.13
C GLY A 113 -25.51 14.17 0.57
N ASN A 114 -25.85 15.25 1.27
CA ASN A 114 -25.60 16.59 0.78
C ASN A 114 -24.74 17.26 1.81
N PHE A 115 -23.49 17.51 1.45
CA PHE A 115 -22.50 17.94 2.45
C PHE A 115 -21.97 19.35 2.16
N VAL A 116 -22.84 20.19 1.62
CA VAL A 116 -22.49 21.60 1.50
C VAL A 116 -22.29 22.22 2.89
N ASP A 117 -23.16 21.88 3.85
CA ASP A 117 -23.26 22.59 5.14
C ASP A 117 -22.96 21.71 6.37
N LYS A 118 -22.64 20.43 6.15
CA LYS A 118 -22.31 19.54 7.24
C LYS A 118 -21.38 18.46 6.72
N LEU A 119 -20.80 17.69 7.63
CA LEU A 119 -19.92 16.59 7.24
C LEU A 119 -20.66 15.27 7.25
N PRO A 120 -20.17 14.29 6.50
CA PRO A 120 -20.61 12.92 6.68
C PRO A 120 -20.34 12.46 8.11
N SER A 121 -20.99 11.38 8.52
CA SER A 121 -20.79 10.81 9.86
C SER A 121 -19.34 10.40 10.09
N ASP A 122 -18.93 10.27 11.34
CA ASP A 122 -17.59 9.80 11.61
C ASP A 122 -17.36 8.44 10.98
N ALA A 123 -18.40 7.59 11.01
CA ALA A 123 -18.30 6.24 10.46
C ALA A 123 -18.04 6.31 8.96
N ALA A 124 -18.73 7.23 8.28
CA ALA A 124 -18.54 7.37 6.82
C ALA A 124 -17.15 7.86 6.48
N LEU A 125 -16.67 8.86 7.20
CA LEU A 125 -15.33 9.39 6.96
C LEU A 125 -14.26 8.32 7.21
N GLN A 126 -14.40 7.56 8.29
CA GLN A 126 -13.41 6.52 8.58
C GLN A 126 -13.47 5.41 7.52
N ALA A 127 -14.67 5.11 7.04
CA ALA A 127 -14.83 4.10 5.99
C ALA A 127 -14.11 4.50 4.70
N ALA A 128 -14.18 5.77 4.35
CA ALA A 128 -13.45 6.26 3.16
C ALA A 128 -11.96 6.13 3.35
N LYS A 129 -11.46 6.54 4.52
CA LYS A 129 -10.02 6.38 4.82
C LYS A 129 -9.61 4.93 4.74
N ASP A 130 -10.42 4.04 5.32
CA ASP A 130 -10.13 2.61 5.26
C ASP A 130 -10.17 2.08 3.84
N LEU A 131 -11.12 2.57 3.04
CA LEU A 131 -11.21 2.14 1.64
C LEU A 131 -9.96 2.52 0.80
N LEU A 132 -9.47 3.75 1.02
CA LEU A 132 -8.30 4.22 0.32
C LEU A 132 -7.09 3.41 0.72
N ALA A 133 -6.95 3.12 2.01
CA ALA A 133 -5.74 2.43 2.44
C ALA A 133 -5.77 1.01 1.92
N CYS A 134 -6.97 0.41 1.90
CA CYS A 134 -7.15 -0.92 1.37
C CYS A 134 -6.85 -0.96 -0.13
N GLY A 135 -7.30 0.05 -0.87
CA GLY A 135 -7.01 0.13 -2.29
C GLY A 135 -5.51 0.16 -2.57
N VAL A 136 -4.77 0.87 -1.73
CA VAL A 136 -3.32 0.90 -1.94
C VAL A 136 -2.74 -0.50 -1.68
N GLN A 137 -3.20 -1.13 -0.61
CA GLN A 137 -2.68 -2.42 -0.20
C GLN A 137 -2.94 -3.48 -1.27
N GLN A 138 -4.10 -3.40 -1.91
CA GLN A 138 -4.52 -4.37 -2.94
C GLN A 138 -4.01 -4.07 -4.34
N GLY A 139 -3.26 -2.98 -4.49
CA GLY A 139 -2.72 -2.61 -5.79
C GLY A 139 -3.72 -1.92 -6.68
N GLU A 140 -4.87 -1.57 -6.13
CA GLU A 140 -5.89 -0.81 -6.89
C GLU A 140 -5.51 0.66 -7.07
N LEU A 141 -4.86 1.23 -6.05
CA LEU A 141 -4.40 2.62 -6.04
C LEU A 141 -2.88 2.67 -5.92
N SER A 142 -2.24 3.64 -6.54
CA SER A 142 -0.80 3.77 -6.37
C SER A 142 -0.51 4.20 -4.93
N GLU A 143 0.69 3.86 -4.44
CA GLU A 143 1.03 4.25 -3.08
C GLU A 143 1.07 5.78 -2.92
N ASP A 144 1.32 6.52 -4.01
CA ASP A 144 1.34 7.98 -3.95
C ASP A 144 0.17 8.64 -4.69
N TYR A 145 -1.00 8.00 -4.63
CA TYR A 145 -2.17 8.53 -5.32
C TYR A 145 -2.48 9.96 -4.92
N ALA A 146 -3.09 10.70 -5.84
CA ALA A 146 -3.57 12.06 -5.56
C ALA A 146 -5.06 12.02 -5.21
N LEU A 147 -5.44 12.71 -4.15
CA LEU A 147 -6.84 12.85 -3.72
C LEU A 147 -7.34 14.23 -4.13
N ILE A 148 -8.45 14.28 -4.85
CA ILE A 148 -9.03 15.57 -5.21
C ILE A 148 -10.55 15.58 -5.05
N ALA A 149 -11.09 16.78 -4.92
CA ALA A 149 -12.55 17.01 -4.97
C ALA A 149 -13.02 17.21 -6.41
N GLY A 150 -14.23 16.73 -6.70
CA GLY A 150 -14.79 16.96 -8.02
C GLY A 150 -14.71 18.41 -8.47
N SER A 151 -15.02 19.31 -7.54
CA SER A 151 -15.09 20.74 -7.84
C SER A 151 -13.76 21.32 -8.30
N GLN A 152 -12.68 20.60 -8.03
CA GLN A 152 -11.35 21.12 -8.44
C GLN A 152 -11.11 20.96 -9.92
N VAL A 153 -11.84 20.05 -10.57
CA VAL A 153 -11.56 19.70 -11.98
C VAL A 153 -12.74 19.80 -12.96
N ILE A 154 -13.97 19.81 -12.45
CA ILE A 154 -15.12 20.05 -13.33
C ILE A 154 -16.03 21.09 -12.69
N SER A 155 -17.00 21.57 -13.45
CA SER A 155 -17.90 22.59 -12.95
C SER A 155 -18.99 21.96 -12.08
N THR A 156 -18.73 21.89 -10.78
CA THR A 156 -19.64 21.27 -9.83
C THR A 156 -19.37 21.82 -8.45
N GLN A 157 -20.35 21.75 -7.56
CA GLN A 157 -20.15 22.07 -6.15
C GLN A 157 -19.73 20.85 -5.37
N SER A 158 -19.93 19.67 -5.97
CA SER A 158 -19.60 18.40 -5.30
C SER A 158 -18.11 18.39 -4.93
N PRO A 159 -17.72 17.92 -3.74
CA PRO A 159 -18.55 17.20 -2.76
C PRO A 159 -19.23 18.05 -1.68
N GLY A 160 -19.38 19.35 -1.95
CA GLY A 160 -19.98 20.27 -0.96
C GLY A 160 -18.86 20.96 -0.21
N LEU A 161 -18.99 22.28 0.02
CA LEU A 161 -17.91 23.05 0.65
C LEU A 161 -17.42 22.50 1.98
N THR A 162 -18.34 22.10 2.85
CA THR A 162 -17.94 21.61 4.17
C THR A 162 -17.10 20.33 4.07
N LEU A 163 -17.51 19.45 3.17
CA LEU A 163 -16.76 18.23 2.98
C LEU A 163 -15.43 18.47 2.25
N TYR A 164 -15.42 19.40 1.29
CA TYR A 164 -14.21 19.78 0.58
C TYR A 164 -13.19 20.30 1.58
N ASN A 165 -13.64 21.14 2.51
CA ASN A 165 -12.72 21.65 3.53
C ASN A 165 -12.10 20.55 4.36
N GLU A 166 -12.87 19.50 4.66
CA GLU A 166 -12.35 18.34 5.37
C GLU A 166 -11.30 17.58 4.56
N ILE A 167 -11.60 17.20 3.31
CA ILE A 167 -10.63 16.39 2.58
C ILE A 167 -9.33 17.12 2.27
N GLN A 168 -9.36 18.45 2.26
CA GLN A 168 -8.13 19.21 2.06
C GLN A 168 -7.10 18.93 3.16
N GLU A 169 -7.57 18.46 4.30
CA GLU A 169 -6.66 18.16 5.40
C GLU A 169 -6.19 16.71 5.40
N TRP A 170 -6.62 15.91 4.42
CA TRP A 170 -6.22 14.52 4.40
C TRP A 170 -4.89 14.37 3.70
N PRO A 171 -4.15 13.33 4.06
CA PRO A 171 -2.93 13.03 3.33
C PRO A 171 -3.34 12.71 1.90
N HIS A 172 -2.47 13.04 0.97
CA HIS A 172 -2.71 12.76 -0.45
C HIS A 172 -3.49 13.86 -1.15
N TRP A 173 -4.10 14.77 -0.40
CA TRP A 173 -4.80 15.87 -1.10
C TRP A 173 -3.86 16.65 -2.01
N LEU A 174 -4.31 16.86 -3.25
CA LEU A 174 -3.58 17.59 -4.28
C LEU A 174 -4.27 18.90 -4.57
N SER A 175 -3.55 20.01 -4.34
CA SER A 175 -4.14 21.33 -4.47
C SER A 175 -4.32 21.83 -5.90
N ASN A 176 -3.51 21.32 -6.83
CA ASN A 176 -3.51 21.87 -8.18
C ASN A 176 -3.63 20.85 -9.31
N PRO A 177 -4.71 20.07 -9.33
CA PRO A 177 -4.83 19.03 -10.35
C PRO A 177 -5.07 19.66 -11.72
N HIS A 178 -4.65 18.96 -12.77
CA HIS A 178 -4.87 19.43 -14.13
C HIS A 178 -6.30 19.17 -14.58
N HIS A 179 -6.77 19.98 -15.52
CA HIS A 179 -8.02 19.65 -16.19
C HIS A 179 -7.98 20.10 -17.64
N HIS A 180 -8.61 19.30 -18.51
CA HIS A 180 -8.58 19.56 -19.94
C HIS A 180 -9.87 20.15 -20.44
N HIS A 181 -9.79 20.84 -21.57
CA HIS A 181 -10.97 21.34 -22.26
C HIS A 181 -11.69 20.18 -22.95
N HIS A 182 -13.01 20.14 -22.78
CA HIS A 182 -13.87 19.18 -23.46
C HIS A 182 -13.71 19.32 -24.97
N HIS A 183 -13.29 20.51 -25.41
CA HIS A 183 -13.22 20.85 -26.84
C HIS A 183 -11.92 21.56 -27.25
N CYS B 11 9.59 -7.48 -10.84
CA CYS B 11 10.38 -8.21 -9.83
C CYS B 11 11.86 -7.98 -10.01
N PRO B 12 12.56 -7.66 -8.94
CA PRO B 12 14.00 -7.49 -9.02
C PRO B 12 14.63 -8.87 -9.23
N THR B 13 15.74 -8.94 -9.96
CA THR B 13 16.44 -10.21 -10.14
C THR B 13 17.40 -10.46 -9.00
N ILE B 14 17.07 -11.42 -8.14
CA ILE B 14 17.86 -11.61 -6.93
C ILE B 14 19.18 -12.30 -7.24
N LYS B 15 20.27 -11.77 -6.70
CA LYS B 15 21.59 -12.40 -6.83
C LYS B 15 21.70 -13.50 -5.79
N LEU B 16 21.57 -14.73 -6.24
CA LEU B 16 21.56 -15.88 -5.35
C LEU B 16 22.92 -16.10 -4.71
N LYS B 17 22.92 -16.87 -3.63
CA LYS B 17 24.14 -17.13 -2.85
C LYS B 17 25.34 -17.51 -3.73
N ARG B 18 25.13 -18.40 -4.70
CA ARG B 18 26.21 -18.85 -5.58
C ARG B 18 26.73 -17.72 -6.47
N GLN B 19 25.85 -16.83 -6.90
CA GLN B 19 26.30 -15.69 -7.69
C GLN B 19 27.24 -14.72 -7.00
N TRP B 20 27.14 -14.63 -5.67
CA TRP B 20 28.11 -13.81 -4.94
C TRP B 20 29.17 -14.61 -4.22
N GLY B 21 29.22 -15.90 -4.50
CA GLY B 21 30.24 -16.74 -3.88
C GLY B 21 29.98 -17.11 -2.43
N GLY B 22 28.72 -17.10 -2.03
CA GLY B 22 28.40 -17.41 -0.62
C GLY B 22 28.39 -18.90 -0.36
N LYS B 23 28.56 -19.27 0.91
CA LYS B 23 28.56 -20.65 1.33
C LYS B 23 27.17 -21.08 1.73
N PRO B 24 26.90 -22.38 1.74
CA PRO B 24 25.59 -22.87 2.19
C PRO B 24 25.31 -22.56 3.67
N SER B 25 24.03 -22.51 4.01
CA SER B 25 23.61 -22.47 5.40
C SER B 25 24.17 -23.65 6.16
N LEU B 26 24.42 -23.44 7.45
CA LEU B 26 24.83 -24.53 8.31
C LEU B 26 23.61 -25.27 8.87
N GLY B 27 22.41 -24.81 8.53
CA GLY B 27 21.18 -25.48 9.00
C GLY B 27 19.94 -24.70 8.66
N LEU B 28 19.05 -25.34 7.91
CA LEU B 28 17.89 -24.66 7.37
C LEU B 28 16.72 -24.82 8.31
N HIS B 29 16.08 -23.70 8.63
CA HIS B 29 14.83 -23.70 9.40
C HIS B 29 13.77 -22.96 8.63
N TYR B 30 12.69 -23.65 8.30
CA TYR B 30 11.73 -23.09 7.37
C TYR B 30 10.68 -22.27 8.09
N GLN B 31 10.22 -21.21 7.46
CA GLN B 31 9.17 -20.38 8.00
C GLN B 31 7.83 -20.81 7.44
N VAL B 32 6.77 -20.42 8.14
CA VAL B 32 5.40 -20.57 7.62
C VAL B 32 5.03 -19.39 6.72
N ARG B 33 4.70 -19.68 5.47
CA ARG B 33 4.30 -18.64 4.53
C ARG B 33 2.77 -18.54 4.51
N PRO B 34 2.22 -17.36 4.25
CA PRO B 34 2.98 -16.14 3.97
C PRO B 34 3.52 -15.46 5.24
N ILE B 35 4.62 -14.74 5.10
CA ILE B 35 5.23 -14.02 6.22
C ILE B 35 4.51 -12.69 6.41
N ARG B 36 4.24 -12.33 7.65
CA ARG B 36 3.40 -11.17 8.00
C ARG B 36 4.16 -9.96 8.50
N TYR B 37 5.48 -10.07 8.61
CA TYR B 37 6.31 -8.98 9.09
C TYR B 37 7.57 -8.85 8.23
N VAL B 38 7.96 -7.60 7.95
CA VAL B 38 9.22 -7.28 7.27
C VAL B 38 9.96 -6.33 8.19
N VAL B 39 11.22 -6.67 8.50
CA VAL B 39 12.02 -5.84 9.40
C VAL B 39 13.14 -5.18 8.60
N ILE B 40 13.24 -3.86 8.69
CA ILE B 40 14.26 -3.13 7.93
C ILE B 40 15.47 -2.84 8.83
N HIS B 41 16.65 -3.11 8.29
CA HIS B 41 17.93 -2.95 8.97
C HIS B 41 18.91 -2.21 8.06
N HIS B 42 19.99 -1.72 8.64
CA HIS B 42 21.20 -1.38 7.87
C HIS B 42 22.35 -2.20 8.39
N THR B 43 23.38 -2.38 7.57
CA THR B 43 24.50 -3.23 7.98
C THR B 43 25.58 -2.48 8.75
N VAL B 44 25.59 -1.15 8.65
CA VAL B 44 26.64 -0.26 9.20
C VAL B 44 27.96 -0.39 8.45
N THR B 45 28.54 -1.58 8.45
CA THR B 45 29.76 -1.86 7.70
C THR B 45 29.42 -2.41 6.30
N GLY B 46 30.34 -2.27 5.35
CA GLY B 46 30.20 -2.95 4.06
C GLY B 46 29.74 -2.17 2.84
N GLU B 47 29.62 -0.85 2.90
CA GLU B 47 29.10 -0.15 1.71
C GLU B 47 29.85 -0.55 0.43
N CYS B 48 29.12 -0.77 -0.65
CA CYS B 48 29.71 -1.32 -1.87
C CYS B 48 28.77 -1.06 -3.04
N SER B 49 29.34 -0.99 -4.24
CA SER B 49 28.53 -0.75 -5.44
C SER B 49 28.78 -1.87 -6.42
N GLY B 50 27.73 -2.63 -6.70
CA GLY B 50 27.80 -3.67 -7.71
C GLY B 50 28.32 -4.99 -7.19
N LEU B 51 27.90 -6.06 -7.86
CA LEU B 51 28.28 -7.42 -7.48
C LEU B 51 29.79 -7.62 -7.34
N LEU B 52 30.58 -7.10 -8.28
CA LEU B 52 32.01 -7.36 -8.22
C LEU B 52 32.60 -6.96 -6.88
N LYS B 53 32.22 -5.79 -6.38
CA LYS B 53 32.78 -5.32 -5.12
C LYS B 53 32.02 -5.87 -3.91
N CYS B 54 30.72 -5.99 -4.04
CA CYS B 54 29.91 -6.43 -2.91
C CYS B 54 30.15 -7.89 -2.55
N ALA B 55 30.57 -8.70 -3.52
CA ALA B 55 30.73 -10.12 -3.23
C ALA B 55 31.68 -10.39 -2.06
N GLU B 56 32.87 -9.78 -2.09
CA GLU B 56 33.85 -10.06 -1.05
C GLU B 56 33.34 -9.61 0.30
N ILE B 57 32.65 -8.47 0.30
CA ILE B 57 32.06 -7.94 1.54
C ILE B 57 31.02 -8.90 2.09
N LEU B 58 30.18 -9.44 1.21
CA LEU B 58 29.16 -10.38 1.68
C LEU B 58 29.79 -11.70 2.14
N GLN B 59 30.83 -12.17 1.44
CA GLN B 59 31.49 -13.41 1.84
C GLN B 59 32.05 -13.28 3.25
N ASN B 60 32.66 -12.15 3.54
CA ASN B 60 33.24 -11.94 4.84
C ASN B 60 32.22 -11.61 5.90
N MET B 61 31.15 -10.91 5.53
CA MET B 61 30.05 -10.74 6.48
C MET B 61 29.44 -12.10 6.84
N GLN B 62 29.23 -12.95 5.84
CA GLN B 62 28.75 -14.30 6.10
C GLN B 62 29.70 -15.11 7.02
N ALA B 63 31.01 -14.96 6.82
CA ALA B 63 32.01 -15.63 7.65
C ALA B 63 31.91 -15.15 9.10
N TYR B 64 31.77 -13.85 9.29
CA TYR B 64 31.61 -13.32 10.62
C TYR B 64 30.32 -13.86 11.27
N HIS B 65 29.22 -13.84 10.54
CA HIS B 65 27.95 -14.31 11.12
C HIS B 65 27.98 -15.81 11.42
N GLN B 66 28.53 -16.62 10.52
CA GLN B 66 28.52 -18.05 10.75
C GLN B 66 29.58 -18.48 11.78
N ASN B 67 30.75 -17.86 11.73
CA ASN B 67 31.87 -18.40 12.52
C ASN B 67 32.16 -17.64 13.78
N GLU B 68 31.66 -16.42 13.88
CA GLU B 68 31.83 -15.68 15.11
C GLU B 68 30.56 -15.45 15.90
N LEU B 69 29.46 -15.22 15.19
CA LEU B 69 28.19 -14.96 15.87
C LEU B 69 27.38 -16.24 16.03
N ASP B 70 27.85 -17.33 15.43
CA ASP B 70 27.27 -18.67 15.57
C ASP B 70 25.88 -18.79 14.97
N PHE B 71 25.66 -18.02 13.89
CA PHE B 71 24.42 -18.09 13.15
C PHE B 71 24.57 -19.15 12.05
N ASN B 72 23.44 -19.61 11.53
CA ASN B 72 23.48 -20.62 10.46
C ASN B 72 23.87 -20.04 9.10
N ASP B 73 23.69 -18.72 8.92
CA ASP B 73 23.92 -18.07 7.64
C ASP B 73 24.04 -16.58 7.91
N ILE B 74 24.33 -15.82 6.88
CA ILE B 74 24.23 -14.36 7.02
C ILE B 74 22.85 -14.04 7.64
N SER B 75 22.79 -13.07 8.55
CA SER B 75 21.63 -12.95 9.43
C SER B 75 20.35 -12.55 8.68
N TYR B 76 20.52 -11.69 7.69
CA TYR B 76 19.36 -11.09 7.01
C TYR B 76 18.84 -11.98 5.94
N ASN B 77 17.54 -11.86 5.62
CA ASN B 77 17.00 -12.65 4.49
C ASN B 77 17.51 -12.10 3.16
N PHE B 78 17.61 -10.77 3.07
CA PHE B 78 18.10 -10.10 1.85
C PHE B 78 18.93 -8.90 2.21
N LEU B 79 19.83 -8.52 1.31
CA LEU B 79 20.61 -7.28 1.46
C LEU B 79 20.53 -6.52 0.16
N ILE B 80 20.55 -5.20 0.25
CA ILE B 80 20.38 -4.34 -0.93
C ILE B 80 21.52 -3.36 -1.03
N GLY B 81 22.17 -3.39 -2.19
CA GLY B 81 23.35 -2.56 -2.45
C GLY B 81 23.03 -1.20 -3.05
N ASN B 82 24.06 -0.35 -3.14
CA ASN B 82 23.92 1.02 -3.64
C ASN B 82 23.39 1.09 -5.06
N ASP B 83 23.71 0.07 -5.85
CA ASP B 83 23.31 0.02 -7.26
C ASP B 83 21.91 -0.56 -7.36
N GLY B 84 21.31 -0.91 -6.22
CA GLY B 84 19.96 -1.46 -6.24
C GLY B 84 19.91 -2.97 -6.43
N ILE B 85 21.04 -3.62 -6.43
CA ILE B 85 21.04 -5.08 -6.52
C ILE B 85 20.51 -5.64 -5.20
N VAL B 86 19.61 -6.60 -5.32
CA VAL B 86 19.14 -7.41 -4.18
C VAL B 86 19.96 -8.70 -4.10
N TYR B 87 20.65 -8.90 -2.98
CA TYR B 87 21.45 -10.11 -2.74
C TYR B 87 20.71 -11.06 -1.80
N GLU B 88 20.69 -12.34 -2.15
CA GLU B 88 20.12 -13.34 -1.27
C GLU B 88 21.04 -13.53 -0.08
N GLY B 89 20.46 -13.37 1.12
CA GLY B 89 21.16 -13.74 2.34
C GLY B 89 20.65 -15.10 2.73
N THR B 90 19.90 -15.14 3.82
CA THR B 90 19.23 -16.36 4.21
C THR B 90 18.16 -16.78 3.20
N GLY B 91 17.52 -15.81 2.52
CA GLY B 91 16.57 -16.11 1.43
C GLY B 91 15.11 -16.17 1.85
N TRP B 92 14.21 -16.25 0.87
CA TRP B 92 12.79 -16.35 1.19
C TRP B 92 12.48 -17.62 1.97
N GLY B 93 11.65 -17.46 3.00
CA GLY B 93 11.01 -18.62 3.63
C GLY B 93 11.91 -19.39 4.56
N LEU B 94 13.08 -18.82 4.89
CA LEU B 94 14.01 -19.42 5.85
C LEU B 94 14.28 -18.45 7.00
N ARG B 95 14.41 -19.03 8.19
CA ARG B 95 14.59 -18.24 9.41
C ARG B 95 16.01 -17.70 9.48
N GLY B 96 16.11 -16.38 9.60
CA GLY B 96 17.40 -15.70 9.76
C GLY B 96 17.71 -15.44 11.22
N ALA B 97 18.58 -14.46 11.46
CA ALA B 97 19.04 -14.16 12.81
C ALA B 97 19.21 -12.65 13.00
N HIS B 98 18.39 -11.87 12.29
CA HIS B 98 18.52 -10.42 12.25
C HIS B 98 17.78 -9.72 13.36
N THR B 99 16.71 -10.32 13.88
CA THR B 99 15.85 -9.59 14.83
C THR B 99 15.20 -10.53 15.81
N TYR B 100 15.70 -10.59 17.05
CA TYR B 100 15.08 -11.45 18.04
C TYR B 100 13.57 -11.21 18.13
N GLY B 101 12.80 -12.30 18.01
CA GLY B 101 11.34 -12.25 18.09
C GLY B 101 10.67 -12.15 16.73
N TYR B 102 11.46 -11.77 15.74
CA TYR B 102 10.94 -11.57 14.38
C TYR B 102 11.73 -12.35 13.34
N ASN B 103 12.49 -13.35 13.78
CA ASN B 103 13.22 -14.19 12.85
C ASN B 103 12.33 -15.27 12.24
N ALA B 104 11.57 -15.96 13.09
CA ALA B 104 10.72 -17.02 12.59
C ALA B 104 9.56 -16.40 11.80
N ILE B 105 9.09 -15.25 12.27
CA ILE B 105 7.86 -14.68 11.69
C ILE B 105 8.08 -13.50 10.75
N GLY B 106 9.34 -13.14 10.52
CA GLY B 106 9.67 -11.96 9.72
C GLY B 106 10.68 -12.21 8.62
N THR B 107 10.66 -11.33 7.62
CA THR B 107 11.71 -11.28 6.58
C THR B 107 12.56 -10.06 6.87
N GLY B 108 13.84 -10.26 7.15
CA GLY B 108 14.74 -9.15 7.49
C GLY B 108 15.47 -8.71 6.23
N ILE B 109 15.39 -7.40 5.95
CA ILE B 109 15.98 -6.82 4.76
C ILE B 109 16.95 -5.74 5.22
N ALA B 110 18.23 -5.91 4.88
CA ALA B 110 19.24 -4.90 5.25
C ALA B 110 19.70 -4.09 4.07
N PHE B 111 19.72 -2.78 4.24
CA PHE B 111 20.42 -1.94 3.30
C PHE B 111 21.91 -1.94 3.65
N ILE B 112 22.75 -2.23 2.67
CA ILE B 112 24.18 -2.25 2.90
C ILE B 112 24.67 -0.83 3.07
N GLY B 113 25.25 -0.52 4.23
CA GLY B 113 25.74 0.85 4.49
C GLY B 113 25.27 1.35 5.85
N ASN B 114 25.54 2.63 6.13
CA ASN B 114 25.25 3.24 7.41
C ASN B 114 24.36 4.43 7.15
N PHE B 115 23.11 4.34 7.59
CA PHE B 115 22.09 5.29 7.19
C PHE B 115 21.55 6.07 8.38
N VAL B 116 22.40 6.29 9.36
CA VAL B 116 22.06 7.19 10.44
C VAL B 116 21.80 8.60 9.93
N ASP B 117 22.65 9.07 9.01
CA ASP B 117 22.67 10.50 8.59
C ASP B 117 22.35 10.72 7.11
N LYS B 118 22.11 9.65 6.37
CA LYS B 118 21.81 9.76 4.95
C LYS B 118 20.91 8.61 4.57
N LEU B 119 20.31 8.69 3.39
CA LEU B 119 19.46 7.61 2.86
C LEU B 119 20.23 6.71 1.91
N PRO B 120 19.77 5.46 1.76
CA PRO B 120 20.24 4.62 0.64
C PRO B 120 19.94 5.34 -0.68
N SER B 121 20.60 4.90 -1.74
CA SER B 121 20.34 5.45 -3.08
C SER B 121 18.88 5.28 -3.49
N ASP B 122 18.44 6.10 -4.44
CA ASP B 122 17.11 5.92 -5.00
C ASP B 122 16.91 4.50 -5.54
N ALA B 123 17.96 3.96 -6.17
CA ALA B 123 17.91 2.62 -6.75
C ALA B 123 17.71 1.58 -5.66
N ALA B 124 18.40 1.77 -4.54
CA ALA B 124 18.27 0.82 -3.42
C ALA B 124 16.87 0.89 -2.80
N LEU B 125 16.35 2.09 -2.60
CA LEU B 125 15.01 2.23 -2.05
C LEU B 125 13.95 1.64 -2.97
N GLN B 126 14.08 1.86 -4.28
CA GLN B 126 13.10 1.34 -5.23
C GLN B 126 13.19 -0.18 -5.33
N ALA B 127 14.41 -0.69 -5.24
CA ALA B 127 14.63 -2.16 -5.23
C ALA B 127 13.93 -2.82 -4.03
N ALA B 128 14.00 -2.19 -2.87
CA ALA B 128 13.30 -2.71 -1.70
C ALA B 128 11.79 -2.71 -1.94
N LYS B 129 11.26 -1.57 -2.39
CA LYS B 129 9.82 -1.53 -2.69
C LYS B 129 9.39 -2.60 -3.69
N ASP B 130 10.16 -2.80 -4.76
CA ASP B 130 9.85 -3.81 -5.76
C ASP B 130 9.97 -5.22 -5.18
N LEU B 131 11.00 -5.45 -4.37
CA LEU B 131 11.16 -6.75 -3.70
C LEU B 131 9.95 -7.08 -2.83
N LEU B 132 9.46 -6.10 -2.08
CA LEU B 132 8.32 -6.33 -1.21
C LEU B 132 7.07 -6.65 -2.05
N ALA B 133 6.88 -5.90 -3.12
CA ALA B 133 5.68 -6.05 -3.94
C ALA B 133 5.71 -7.40 -4.63
N CYS B 134 6.88 -7.81 -5.08
CA CYS B 134 7.01 -9.13 -5.66
C CYS B 134 6.79 -10.24 -4.63
N GLY B 135 7.26 -10.02 -3.41
CA GLY B 135 7.03 -10.97 -2.33
C GLY B 135 5.54 -11.19 -2.09
N VAL B 136 4.75 -10.12 -2.12
CA VAL B 136 3.32 -10.27 -1.94
C VAL B 136 2.74 -11.05 -3.13
N GLN B 137 3.14 -10.69 -4.35
CA GLN B 137 2.61 -11.41 -5.53
C GLN B 137 2.91 -12.89 -5.50
N GLN B 138 4.09 -13.26 -5.01
CA GLN B 138 4.56 -14.64 -5.02
C GLN B 138 4.09 -15.48 -3.82
N GLY B 139 3.39 -14.84 -2.89
CA GLY B 139 2.89 -15.51 -1.71
C GLY B 139 3.93 -15.64 -0.61
N GLU B 140 5.06 -14.96 -0.76
CA GLU B 140 6.09 -14.95 0.29
C GLU B 140 5.68 -14.07 1.47
N LEU B 141 4.98 -12.97 1.15
CA LEU B 141 4.51 -12.02 2.16
C LEU B 141 3.00 -11.88 2.07
N SER B 142 2.35 -11.68 3.22
CA SER B 142 0.91 -11.47 3.22
C SER B 142 0.59 -10.11 2.61
N GLU B 143 -0.59 -10.00 1.98
CA GLU B 143 -0.96 -8.72 1.39
C GLU B 143 -0.94 -7.59 2.39
N ASP B 144 -1.23 -7.89 3.66
CA ASP B 144 -1.27 -6.86 4.67
C ASP B 144 -0.10 -6.93 5.63
N TYR B 145 1.07 -7.31 5.13
CA TYR B 145 2.24 -7.43 6.00
C TYR B 145 2.54 -6.13 6.73
N ALA B 146 3.09 -6.25 7.94
CA ALA B 146 3.51 -5.09 8.72
C ALA B 146 5.00 -4.87 8.50
N LEU B 147 5.38 -3.62 8.23
CA LEU B 147 6.78 -3.22 8.01
C LEU B 147 7.27 -2.50 9.25
N ILE B 148 8.37 -2.94 9.83
CA ILE B 148 8.91 -2.25 11.02
C ILE B 148 10.42 -2.07 10.88
N ALA B 149 10.97 -1.13 11.64
CA ALA B 149 12.42 -0.95 11.82
C ALA B 149 12.90 -1.84 12.95
N GLY B 150 14.12 -2.37 12.83
CA GLY B 150 14.66 -3.16 13.92
C GLY B 150 14.60 -2.43 15.25
N SER B 151 14.89 -1.13 15.23
CA SER B 151 14.92 -0.32 16.46
C SER B 151 13.58 -0.30 17.20
N GLN B 152 12.49 -0.62 16.50
CA GLN B 152 11.18 -0.63 17.15
C GLN B 152 10.98 -1.79 18.12
N VAL B 153 11.78 -2.86 17.96
CA VAL B 153 11.49 -4.12 18.63
C VAL B 153 12.68 -4.74 19.37
N ILE B 154 13.89 -4.35 19.02
CA ILE B 154 15.08 -4.73 19.80
C ILE B 154 15.95 -3.50 20.08
N SER B 155 16.91 -3.67 20.97
CA SER B 155 17.79 -2.59 21.32
C SER B 155 18.84 -2.43 20.23
N THR B 156 18.57 -1.52 19.31
CA THR B 156 19.49 -1.28 18.18
C THR B 156 19.16 0.09 17.64
N GLN B 157 20.12 0.72 16.95
CA GLN B 157 19.84 1.95 16.20
C GLN B 157 19.45 1.65 14.75
N SER B 158 19.67 0.40 14.33
CA SER B 158 19.35 0.00 12.95
C SER B 158 17.85 0.23 12.69
N PRO B 159 17.47 0.74 11.52
CA PRO B 159 18.32 0.95 10.33
C PRO B 159 18.91 2.34 10.17
N GLY B 160 19.08 3.07 11.28
CA GLY B 160 19.62 4.44 11.22
C GLY B 160 18.47 5.42 11.19
N LEU B 161 18.55 6.49 11.97
CA LEU B 161 17.42 7.43 12.07
C LEU B 161 16.94 7.96 10.72
N THR B 162 17.84 8.34 9.83
CA THR B 162 17.42 8.91 8.55
C THR B 162 16.59 7.92 7.74
N LEU B 163 17.04 6.66 7.68
CA LEU B 163 16.29 5.64 6.97
C LEU B 163 14.98 5.26 7.70
N TYR B 164 15.02 5.24 9.03
CA TYR B 164 13.78 5.03 9.81
C TYR B 164 12.72 6.06 9.45
N ASN B 165 13.14 7.31 9.36
CA ASN B 165 12.19 8.38 9.02
C ASN B 165 11.58 8.16 7.65
N GLU B 166 12.38 7.64 6.72
CA GLU B 166 11.89 7.33 5.38
C GLU B 166 10.86 6.19 5.42
N ILE B 167 11.17 5.08 6.07
CA ILE B 167 10.24 3.95 6.00
C ILE B 167 8.92 4.22 6.74
N GLN B 168 8.94 5.13 7.71
CA GLN B 168 7.69 5.58 8.37
C GLN B 168 6.66 6.12 7.37
N GLU B 169 7.11 6.57 6.21
CA GLU B 169 6.23 7.12 5.17
C GLU B 169 5.62 6.03 4.28
N TRP B 170 6.13 4.82 4.42
CA TRP B 170 5.66 3.72 3.58
C TRP B 170 4.35 3.15 4.15
N PRO B 171 3.39 2.85 3.29
CA PRO B 171 2.04 2.50 3.77
C PRO B 171 1.93 1.27 4.68
N HIS B 172 2.87 0.34 4.56
CA HIS B 172 2.81 -0.84 5.41
C HIS B 172 3.44 -0.62 6.79
N TRP B 173 3.99 0.57 7.06
CA TRP B 173 4.66 0.80 8.35
C TRP B 173 3.71 0.64 9.52
N LEU B 174 4.13 -0.12 10.52
CA LEU B 174 3.38 -0.33 11.76
C LEU B 174 4.06 0.39 12.91
N SER B 175 3.33 1.30 13.57
CA SER B 175 3.94 2.15 14.58
C SER B 175 4.15 1.49 15.93
N ASN B 176 3.35 0.48 16.25
CA ASN B 176 3.39 -0.09 17.60
C ASN B 176 3.50 -1.60 17.63
N PRO B 177 4.57 -2.16 17.04
CA PRO B 177 4.73 -3.60 17.04
C PRO B 177 4.99 -4.12 18.44
N HIS B 178 4.61 -5.38 18.69
CA HIS B 178 4.84 -6.01 19.98
C HIS B 178 6.30 -6.39 20.14
N HIS B 179 6.78 -6.43 21.37
CA HIS B 179 8.04 -7.12 21.61
C HIS B 179 7.97 -7.94 22.87
N HIS B 180 8.46 -9.16 22.81
CA HIS B 180 8.47 -10.01 23.98
C HIS B 180 9.78 -9.91 24.74
N HIS B 181 9.71 -10.25 26.02
CA HIS B 181 10.87 -10.39 26.87
C HIS B 181 11.62 -11.67 26.50
N HIS B 182 12.93 -11.54 26.37
CA HIS B 182 13.83 -12.65 26.05
C HIS B 182 13.92 -13.60 27.24
N HIS B 183 13.58 -13.09 28.42
CA HIS B 183 13.66 -13.85 29.67
C HIS B 183 12.43 -13.70 30.55
S SO4 C . -12.57 10.24 -19.21
O1 SO4 C . -11.80 10.36 -17.98
O2 SO4 C . -13.87 10.83 -19.02
O3 SO4 C . -12.81 8.85 -19.51
O4 SO4 C . -11.90 10.96 -20.27
C1 EDO D . -24.60 11.91 -12.07
O1 EDO D . -24.04 12.86 -13.00
C2 EDO D . -23.65 11.74 -10.88
O2 EDO D . -22.32 11.50 -11.33
C1 EDO E . -4.25 -5.04 -14.46
O1 EDO E . -3.66 -5.06 -13.14
C2 EDO E . -4.73 -3.64 -14.79
O2 EDO E . -3.66 -2.88 -15.37
C1 EDO F . -6.52 21.36 -23.27
O1 EDO F . -7.27 22.54 -22.97
C2 EDO F . -5.15 21.47 -22.60
O2 EDO F . -5.35 21.87 -21.23
S SO4 G . 12.79 -15.85 16.86
O1 SO4 G . 12.09 -16.14 18.09
O2 SO4 G . 13.99 -15.13 17.18
O3 SO4 G . 11.96 -14.97 16.04
O4 SO4 G . 13.25 -17.03 16.16
C1 EDO H . 24.55 -9.26 13.19
O1 EDO H . 24.01 -9.19 14.53
C2 EDO H . 23.64 -8.54 12.21
O2 EDO H . 22.31 -9.06 12.30
#